data_8IL7
#
_entry.id   8IL7
#
_cell.length_a   99.280
_cell.length_b   99.280
_cell.length_c   98.564
_cell.angle_alpha   90.00
_cell.angle_beta   90.00
_cell.angle_gamma   120.00
#
_symmetry.space_group_name_H-M   'P 63'
#
loop_
_entity.id
_entity.type
_entity.pdbx_description
1 polymer 'Adenylate cyclase type 10'
2 non-polymer '(2S)-2-HYDROXYPROPANOIC ACID'
3 non-polymer GLYCEROL
4 water water
#
_entity_poly.entity_id   1
_entity_poly.type   'polypeptide(L)'
_entity_poly.pdbx_seq_one_letter_code
;MNTPKEEFQDWPIVRIAAHLPDLIVYGHFSPERPFMDYFDGVLMFVDISGFTAMTEKFSSAMYMDRGAEQLVEILNYHIS
AIVEKVLIFGGDILKFAGDALLALWRVERKQLKNIITVVIKCSLEIHGLFETQEWEEGLDIRVKIGLAAGHISMLVFGDE
THSHFLVIGQAVDDVRLAQNMAQMNDVILSPNCWQLCDRSMIEIESVPDQRAVKVNFLKPPPNFNFDEFFTKCTTFMHYY
PSGEHKNLLRLA(CME)TLKPDPELEMSLQKYVMESILKQIDNKQLQGYLSELRPVTIVFVNLMFEDQDKAEEIGPAIQD
AYMHITSVLKIFQGQINKVFMFDKGCSFLCVFGFPGEKVPDELTHALECAMDIFDFCSQVHKIQTVSIGVASGIVFCGIV
GHTVRHEYTVIGQKVNLAARMMMYYPGIVTCDSVTYNGSNLPAYFFKELPKKVMKGVADSGPLYQYWGRTEKVHHHHHH
;
_entity_poly.pdbx_strand_id   A
#
loop_
_chem_comp.id
_chem_comp.type
_chem_comp.name
_chem_comp.formula
2OP non-polymer '(2S)-2-HYDROXYPROPANOIC ACID' 'C3 H6 O3'
GOL non-polymer GLYCEROL 'C3 H8 O3'
#
# COMPACT_ATOMS: atom_id res chain seq x y z
N MET A 1 -22.19 45.07 -9.86
CA MET A 1 -22.48 43.58 -9.99
C MET A 1 -21.51 42.78 -9.15
N ASN A 2 -22.02 41.96 -8.25
CA ASN A 2 -21.12 41.33 -7.30
C ASN A 2 -20.33 40.21 -7.93
N THR A 3 -19.24 39.86 -7.25
CA THR A 3 -18.31 38.82 -7.65
C THR A 3 -18.09 37.89 -6.47
N PRO A 4 -19.08 37.10 -6.12
CA PRO A 4 -18.94 36.20 -4.97
C PRO A 4 -17.77 35.25 -5.18
N LYS A 5 -17.12 34.89 -4.09
CA LYS A 5 -15.98 33.98 -4.18
C LYS A 5 -16.47 32.54 -4.31
N GLU A 6 -15.73 31.76 -5.07
CA GLU A 6 -16.08 30.35 -5.24
C GLU A 6 -15.85 29.64 -3.92
N GLU A 7 -16.67 28.63 -3.67
CA GLU A 7 -16.41 27.82 -2.48
C GLU A 7 -16.30 26.35 -2.84
N PHE A 8 -17.05 25.88 -3.85
CA PHE A 8 -17.41 24.46 -3.91
C PHE A 8 -16.44 23.66 -4.75
N GLN A 9 -15.66 22.85 -4.06
CA GLN A 9 -14.89 21.77 -4.65
C GLN A 9 -15.24 20.42 -4.04
N ASP A 10 -16.34 20.29 -3.27
CA ASP A 10 -16.52 19.05 -2.48
C ASP A 10 -17.43 18.03 -3.16
N TRP A 11 -17.35 17.95 -4.46
CA TRP A 11 -18.08 16.99 -5.24
C TRP A 11 -17.65 15.55 -4.94
N PRO A 12 -18.56 14.58 -5.17
CA PRO A 12 -18.17 13.18 -5.09
C PRO A 12 -16.92 12.85 -5.86
N ILE A 13 -16.75 13.37 -7.10
CA ILE A 13 -15.55 12.98 -7.84
C ILE A 13 -14.26 13.43 -7.13
N VAL A 14 -14.32 14.56 -6.44
CA VAL A 14 -13.15 15.03 -5.69
C VAL A 14 -12.89 14.16 -4.48
N ARG A 15 -13.96 13.78 -3.78
CA ARG A 15 -13.83 12.89 -2.65
C ARG A 15 -13.28 11.52 -3.06
N ILE A 16 -13.71 11.02 -4.19
CA ILE A 16 -13.15 9.78 -4.70
C ILE A 16 -11.68 9.94 -5.01
N ALA A 17 -11.30 11.04 -5.65
CA ALA A 17 -9.91 11.25 -6.02
C ALA A 17 -8.98 11.33 -4.82
N ALA A 18 -9.47 11.68 -3.63
CA ALA A 18 -8.58 11.64 -2.47
C ALA A 18 -7.99 10.25 -2.26
N HIS A 19 -8.71 9.23 -2.67
CA HIS A 19 -8.28 7.85 -2.41
C HIS A 19 -7.31 7.32 -3.46
N LEU A 20 -6.93 8.15 -4.43
CA LEU A 20 -6.13 7.69 -5.55
C LEU A 20 -4.97 8.62 -5.85
N PRO A 21 -3.86 8.08 -6.39
CA PRO A 21 -2.72 8.91 -6.80
C PRO A 21 -3.07 9.55 -8.12
N ASP A 22 -2.31 10.63 -8.45
CA ASP A 22 -2.41 11.27 -9.76
C ASP A 22 -2.10 10.31 -10.89
N LEU A 23 -1.26 9.31 -10.63
CA LEU A 23 -0.96 8.29 -11.62
C LEU A 23 -2.23 7.69 -12.20
N ILE A 24 -3.26 7.55 -11.35
CA ILE A 24 -4.55 7.01 -11.77
C ILE A 24 -5.51 8.12 -12.16
N VAL A 25 -5.66 9.13 -11.28
CA VAL A 25 -6.64 10.21 -11.50
C VAL A 25 -6.46 10.83 -12.88
N TYR A 26 -5.22 11.12 -13.27
CA TYR A 26 -4.94 11.77 -14.54
C TYR A 26 -4.37 10.81 -15.57
N GLY A 27 -4.52 9.51 -15.34
CA GLY A 27 -3.89 8.53 -16.23
C GLY A 27 -4.54 8.44 -17.60
N HIS A 28 -5.86 8.51 -17.64
CA HIS A 28 -6.60 8.45 -18.93
C HIS A 28 -6.04 7.36 -19.86
N PHE A 29 -5.93 6.14 -19.34
CA PHE A 29 -5.50 5.01 -20.12
C PHE A 29 -6.66 4.04 -20.39
N SER A 30 -6.34 3.08 -21.20
CA SER A 30 -7.32 2.18 -21.76
C SER A 30 -8.02 1.39 -20.67
N PRO A 31 -9.25 0.93 -20.94
CA PRO A 31 -9.96 0.11 -19.96
C PRO A 31 -9.70 -1.38 -20.09
N GLU A 32 -8.94 -1.79 -21.10
CA GLU A 32 -8.49 -3.17 -21.23
C GLU A 32 -7.73 -3.61 -19.98
N ARG A 33 -7.87 -4.88 -19.63
CA ARG A 33 -7.19 -5.46 -18.47
C ARG A 33 -6.55 -6.76 -18.91
N PRO A 34 -5.25 -6.98 -18.62
CA PRO A 34 -4.37 -6.05 -17.90
C PRO A 34 -3.95 -4.89 -18.75
N PHE A 35 -3.62 -3.77 -18.14
CA PHE A 35 -2.98 -2.64 -18.81
C PHE A 35 -1.59 -2.47 -18.20
N MET A 36 -0.58 -2.30 -19.03
CA MET A 36 0.76 -2.04 -18.52
C MET A 36 1.32 -0.78 -19.18
N ASP A 37 2.01 0.04 -18.41
CA ASP A 37 2.77 1.18 -18.95
C ASP A 37 4.12 1.24 -18.28
N TYR A 38 5.02 2.02 -18.85
CA TYR A 38 6.42 2.00 -18.45
C TYR A 38 6.90 3.44 -18.39
N PHE A 39 7.67 3.76 -17.36
CA PHE A 39 8.22 5.13 -17.23
C PHE A 39 9.44 5.06 -16.32
N ASP A 40 9.97 6.22 -15.96
CA ASP A 40 11.08 6.35 -15.04
C ASP A 40 10.65 7.23 -13.88
N GLY A 41 11.29 7.06 -12.73
CA GLY A 41 11.03 7.98 -11.64
C GLY A 41 11.86 7.66 -10.42
N VAL A 42 11.54 8.40 -9.35
CA VAL A 42 12.14 8.25 -8.04
C VAL A 42 11.05 7.79 -7.10
N LEU A 43 11.33 6.77 -6.33
CA LEU A 43 10.40 6.26 -5.35
C LEU A 43 10.89 6.61 -3.95
N MET A 44 9.96 6.96 -3.07
CA MET A 44 10.26 7.11 -1.65
C MET A 44 9.36 6.19 -0.84
N PHE A 45 9.97 5.36 0.00
CA PHE A 45 9.23 4.41 0.84
C PHE A 45 9.46 4.85 2.26
N VAL A 46 8.42 5.33 2.93
CA VAL A 46 8.53 5.91 4.28
C VAL A 46 7.94 4.89 5.21
N ASP A 47 8.75 4.35 6.11
CA ASP A 47 8.26 3.30 7.00
C ASP A 47 7.74 3.92 8.27
N ILE A 48 6.48 3.64 8.59
CA ILE A 48 5.78 4.33 9.65
C ILE A 48 5.41 3.29 10.71
N SER A 49 6.23 2.25 10.86
CA SER A 49 5.87 1.20 11.80
C SER A 49 6.24 1.56 13.24
N GLY A 50 7.04 2.61 13.45
CA GLY A 50 7.12 3.19 14.78
C GLY A 50 5.75 3.63 15.27
N PHE A 51 4.93 4.17 14.35
CA PHE A 51 3.59 4.66 14.69
C PHE A 51 2.51 3.57 14.72
N THR A 52 2.63 2.52 13.91
CA THR A 52 1.56 1.55 13.75
C THR A 52 1.69 0.34 14.68
N ALA A 53 2.83 0.13 15.33
CA ALA A 53 2.93 -0.94 16.33
C ALA A 53 2.23 -0.57 17.61
N MET A 54 1.60 0.61 17.64
CA MET A 54 0.84 1.16 18.75
C MET A 54 -0.55 0.59 18.83
N THR A 55 -1.03 -0.09 17.79
CA THR A 55 -2.36 -0.66 17.81
C THR A 55 -2.59 -1.53 19.04
N GLU A 56 -1.53 -2.07 19.62
CA GLU A 56 -1.68 -2.85 20.85
C GLU A 56 -2.13 -2.07 22.03
N LYS A 57 -1.49 -0.96 22.26
CA LYS A 57 -1.85 -0.09 23.37
C LYS A 57 -3.31 0.35 23.25
N PHE A 58 -3.79 0.59 22.02
CA PHE A 58 -5.12 1.16 21.84
C PHE A 58 -6.22 0.13 21.98
N SER A 59 -5.88 -1.17 22.06
CA SER A 59 -6.86 -2.16 22.45
C SER A 59 -7.03 -2.27 23.98
N SER A 60 -6.10 -1.74 24.74
CA SER A 60 -6.21 -1.65 26.19
C SER A 60 -7.55 -1.09 26.66
N ALA A 61 -8.03 -1.61 27.77
CA ALA A 61 -9.18 -1.07 28.44
C ALA A 61 -9.00 0.37 28.88
N MET A 62 -7.75 0.87 28.94
CA MET A 62 -7.53 2.29 29.24
C MET A 62 -8.26 3.21 28.27
N TYR A 63 -8.45 2.80 27.02
CA TYR A 63 -9.04 3.68 26.02
C TYR A 63 -10.57 3.63 26.01
N MET A 64 -11.18 2.89 26.94
CA MET A 64 -12.62 2.98 27.22
C MET A 64 -13.45 2.87 25.94
N ASP A 65 -13.15 1.89 25.12
CA ASP A 65 -13.93 1.68 23.93
C ASP A 65 -13.79 2.74 22.83
N ARG A 66 -12.91 3.71 23.01
CA ARG A 66 -12.58 4.64 21.92
C ARG A 66 -11.17 4.41 21.38
N GLY A 67 -10.65 3.19 21.53
CA GLY A 67 -9.34 2.85 20.95
C GLY A 67 -9.22 3.15 19.49
N ALA A 68 -10.19 2.70 18.67
CA ALA A 68 -10.07 2.92 17.24
C ALA A 68 -10.04 4.38 16.89
N GLU A 69 -10.89 5.16 17.57
CA GLU A 69 -10.98 6.57 17.27
C GLU A 69 -9.72 7.34 17.66
N GLN A 70 -9.17 7.00 18.83
CA GLN A 70 -7.93 7.65 19.24
C GLN A 70 -6.79 7.26 18.33
N LEU A 71 -6.80 5.98 17.89
CA LEU A 71 -5.67 5.50 17.07
C LEU A 71 -5.67 6.21 15.72
N VAL A 72 -6.82 6.26 15.05
CA VAL A 72 -6.87 6.93 13.75
C VAL A 72 -6.58 8.41 13.87
N GLU A 73 -7.03 9.03 14.96
CA GLU A 73 -6.72 10.44 15.20
C GLU A 73 -5.20 10.68 15.31
N ILE A 74 -4.51 9.93 16.18
CA ILE A 74 -3.10 10.24 16.34
C ILE A 74 -2.32 9.80 15.09
N LEU A 75 -2.68 8.68 14.50
CA LEU A 75 -2.01 8.25 13.26
C LEU A 75 -2.16 9.28 12.16
N ASN A 76 -3.40 9.71 11.91
CA ASN A 76 -3.58 10.68 10.85
C ASN A 76 -2.94 12.00 11.15
N TYR A 77 -2.82 12.38 12.41
CA TYR A 77 -2.13 13.62 12.75
C TYR A 77 -0.67 13.58 12.29
N HIS A 78 0.00 12.47 12.55
CA HIS A 78 1.40 12.35 12.13
C HIS A 78 1.56 12.05 10.64
N ILE A 79 0.73 11.16 10.08
CA ILE A 79 0.84 10.82 8.68
C ILE A 79 0.48 12.03 7.83
N SER A 80 -0.53 12.81 8.25
CA SER A 80 -0.88 14.03 7.51
C SER A 80 0.31 14.97 7.31
N ALA A 81 1.18 15.09 8.31
CA ALA A 81 2.30 15.99 8.16
C ALA A 81 3.29 15.46 7.11
N ILE A 82 3.51 14.14 7.09
CA ILE A 82 4.34 13.51 6.08
C ILE A 82 3.75 13.73 4.70
N VAL A 83 2.44 13.54 4.59
CA VAL A 83 1.76 13.69 3.30
C VAL A 83 1.94 15.08 2.79
N GLU A 84 1.76 16.09 3.66
CA GLU A 84 1.88 17.46 3.18
C GLU A 84 3.29 17.74 2.65
N LYS A 85 4.31 17.18 3.30
CA LYS A 85 5.68 17.39 2.85
C LYS A 85 5.91 16.79 1.48
N VAL A 86 5.47 15.54 1.30
CA VAL A 86 5.61 14.84 0.02
C VAL A 86 4.91 15.64 -1.06
N LEU A 87 3.70 16.11 -0.77
CA LEU A 87 2.93 16.79 -1.82
C LEU A 87 3.52 18.15 -2.19
N ILE A 88 3.97 18.95 -1.21
CA ILE A 88 4.55 20.24 -1.55
C ILE A 88 5.86 20.08 -2.31
N PHE A 89 6.62 19.02 -2.04
CA PHE A 89 7.84 18.73 -2.77
C PHE A 89 7.56 18.04 -4.12
N GLY A 90 6.28 17.92 -4.49
CA GLY A 90 5.96 17.50 -5.85
C GLY A 90 5.73 16.02 -6.05
N GLY A 91 5.68 15.23 -4.98
CA GLY A 91 5.52 13.80 -5.10
C GLY A 91 4.06 13.38 -5.21
N ASP A 92 3.83 12.18 -5.73
CA ASP A 92 2.50 11.60 -5.87
C ASP A 92 2.47 10.42 -4.91
N ILE A 93 1.55 10.46 -3.94
CA ILE A 93 1.52 9.35 -2.98
C ILE A 93 0.77 8.21 -3.61
N LEU A 94 1.45 7.08 -3.82
CA LEU A 94 0.84 5.97 -4.56
C LEU A 94 -0.05 5.12 -3.67
N LYS A 95 0.41 4.85 -2.45
CA LYS A 95 -0.25 3.88 -1.60
C LYS A 95 0.09 4.12 -0.15
N PHE A 96 -0.86 3.79 0.70
CA PHE A 96 -0.65 3.70 2.13
C PHE A 96 -0.83 2.24 2.52
N ALA A 97 -0.01 1.78 3.44
CA ALA A 97 -0.21 0.49 4.09
C ALA A 97 0.05 0.72 5.56
N GLY A 98 -0.45 -0.17 6.40
CA GLY A 98 -0.25 0.00 7.82
C GLY A 98 1.14 0.51 8.14
N ASP A 99 2.16 -0.24 7.73
CA ASP A 99 3.53 0.07 8.09
C ASP A 99 4.26 0.95 7.06
N ALA A 100 3.59 1.55 6.07
CA ALA A 100 4.32 2.44 5.18
C ALA A 100 3.45 3.36 4.30
N LEU A 101 4.16 4.20 3.54
CA LEU A 101 3.62 5.13 2.54
C LEU A 101 4.63 5.13 1.41
N LEU A 102 4.16 4.93 0.17
CA LEU A 102 5.01 4.90 -1.00
C LEU A 102 4.68 6.10 -1.87
N ALA A 103 5.69 6.87 -2.23
CA ALA A 103 5.50 8.03 -3.10
C ALA A 103 6.42 7.95 -4.31
N LEU A 104 5.98 8.63 -5.37
CA LEU A 104 6.58 8.58 -6.71
C LEU A 104 6.74 9.99 -7.26
N TRP A 105 7.93 10.29 -7.74
CA TRP A 105 8.21 11.42 -8.61
C TRP A 105 8.51 10.84 -9.99
N ARG A 106 7.54 10.94 -10.87
CA ARG A 106 7.67 10.44 -12.23
C ARG A 106 8.29 11.52 -13.10
N VAL A 107 9.40 11.20 -13.78
CA VAL A 107 10.05 12.18 -14.65
C VAL A 107 10.74 11.48 -15.80
N GLU A 108 11.09 12.29 -16.80
CA GLU A 108 11.89 11.81 -17.90
C GLU A 108 13.29 11.46 -17.37
N ARG A 109 13.94 10.53 -18.06
CA ARG A 109 15.22 10.01 -17.58
C ARG A 109 16.24 11.12 -17.35
N LYS A 110 16.23 12.16 -18.20
CA LYS A 110 17.24 13.20 -18.12
C LYS A 110 17.08 14.08 -16.89
N GLN A 111 15.91 14.07 -16.27
CA GLN A 111 15.70 14.85 -15.06
C GLN A 111 15.80 14.01 -13.79
N LEU A 112 16.11 12.71 -13.88
CA LEU A 112 16.20 11.90 -12.66
C LEU A 112 17.19 12.50 -11.66
N LYS A 113 18.37 12.90 -12.14
CA LYS A 113 19.44 13.34 -11.25
C LYS A 113 18.97 14.51 -10.37
N ASN A 114 18.36 15.50 -10.98
CA ASN A 114 17.94 16.67 -10.20
C ASN A 114 16.76 16.35 -9.28
N ILE A 115 15.82 15.50 -9.75
CA ILE A 115 14.69 15.11 -8.91
C ILE A 115 15.13 14.33 -7.70
N ILE A 116 16.17 13.51 -7.81
CA ILE A 116 16.67 12.80 -6.62
C ILE A 116 17.11 13.80 -5.55
N THR A 117 17.72 14.91 -5.97
CA THR A 117 18.09 15.94 -4.99
C THR A 117 16.85 16.49 -4.27
N VAL A 118 15.79 16.79 -5.02
CA VAL A 118 14.52 17.22 -4.41
C VAL A 118 14.02 16.18 -3.40
N VAL A 119 14.02 14.93 -3.83
CA VAL A 119 13.47 13.87 -2.97
C VAL A 119 14.35 13.67 -1.74
N ILE A 120 15.67 13.85 -1.85
CA ILE A 120 16.51 13.72 -0.66
C ILE A 120 16.21 14.86 0.31
N LYS A 121 16.04 16.08 -0.20
CA LYS A 121 15.71 17.18 0.69
C LYS A 121 14.36 16.96 1.37
N CYS A 122 13.37 16.52 0.61
CA CYS A 122 12.07 16.12 1.17
C CYS A 122 12.25 15.13 2.30
N SER A 123 13.01 14.04 2.05
CA SER A 123 13.27 13.02 3.07
C SER A 123 13.86 13.62 4.34
N LEU A 124 14.85 14.49 4.20
CA LEU A 124 15.46 15.11 5.38
C LEU A 124 14.48 16.01 6.09
N GLU A 125 13.59 16.66 5.37
CA GLU A 125 12.60 17.49 6.05
C GLU A 125 11.53 16.64 6.75
N ILE A 126 11.22 15.43 6.24
CA ILE A 126 10.30 14.54 6.93
C ILE A 126 10.90 14.09 8.27
N HIS A 127 12.15 13.66 8.24
CA HIS A 127 12.83 13.33 9.51
C HIS A 127 12.85 14.51 10.47
N GLY A 128 12.95 15.73 9.95
CA GLY A 128 12.92 16.90 10.81
C GLY A 128 11.60 17.09 11.55
N LEU A 129 10.49 16.57 10.99
CA LEU A 129 9.19 16.68 11.65
C LEU A 129 9.18 15.98 13.01
N PHE A 130 10.01 14.95 13.19
CA PHE A 130 9.92 14.04 14.32
C PHE A 130 11.15 14.05 15.21
N GLU A 131 11.89 15.17 15.22
CA GLU A 131 13.14 15.26 15.97
C GLU A 131 12.92 15.28 17.49
N ARG A 142 11.99 8.84 13.92
CA ARG A 142 11.03 7.80 14.16
C ARG A 142 10.45 7.23 12.86
N VAL A 143 10.92 7.74 11.71
CA VAL A 143 10.66 7.08 10.45
C VAL A 143 11.95 6.57 9.87
N LYS A 144 11.78 5.70 8.88
CA LYS A 144 12.85 5.09 8.09
C LYS A 144 12.49 5.40 6.63
N ILE A 145 13.45 5.84 5.84
CA ILE A 145 13.20 6.21 4.44
C ILE A 145 14.16 5.44 3.55
N GLY A 146 13.59 4.76 2.55
CA GLY A 146 14.37 4.19 1.47
C GLY A 146 14.01 4.94 0.20
N LEU A 147 15.02 5.23 -0.62
CA LEU A 147 14.86 5.89 -1.91
C LEU A 147 15.41 5.02 -3.04
N ALA A 148 14.71 4.97 -4.16
CA ALA A 148 15.22 4.29 -5.33
C ALA A 148 14.89 5.13 -6.54
N ALA A 149 15.53 4.78 -7.67
CA ALA A 149 15.30 5.48 -8.92
C ALA A 149 15.57 4.54 -10.10
N GLY A 150 14.88 4.80 -11.21
CA GLY A 150 15.10 4.05 -12.44
C GLY A 150 13.80 3.70 -13.13
N HIS A 151 13.80 2.60 -13.88
CA HIS A 151 12.66 2.20 -14.67
C HIS A 151 11.57 1.69 -13.73
N ILE A 152 10.33 2.03 -14.05
CA ILE A 152 9.18 1.63 -13.25
C ILE A 152 8.11 1.18 -14.23
N SER A 153 7.48 0.06 -13.92
CA SER A 153 6.33 -0.43 -14.67
C SER A 153 5.06 -0.33 -13.84
N MET A 154 3.95 -0.01 -14.48
CA MET A 154 2.66 0.09 -13.84
C MET A 154 1.76 -0.98 -14.43
N LEU A 155 1.01 -1.64 -13.59
CA LEU A 155 0.08 -2.68 -14.00
C LEU A 155 -1.28 -2.29 -13.44
N VAL A 156 -2.31 -2.31 -14.29
CA VAL A 156 -3.68 -2.09 -13.86
C VAL A 156 -4.44 -3.36 -14.22
N PHE A 157 -5.11 -3.94 -13.26
CA PHE A 157 -5.87 -5.16 -13.49
C PHE A 157 -7.22 -5.02 -12.80
N GLY A 158 -8.16 -5.85 -13.21
CA GLY A 158 -9.51 -5.77 -12.68
C GLY A 158 -10.55 -6.29 -13.66
N ASP A 159 -11.80 -6.12 -13.29
CA ASP A 159 -12.89 -6.56 -14.14
C ASP A 159 -13.75 -5.35 -14.45
N GLU A 160 -15.01 -5.58 -14.81
CA GLU A 160 -15.83 -4.48 -15.27
C GLU A 160 -16.26 -3.56 -14.14
N THR A 161 -16.15 -3.98 -12.89
CA THR A 161 -16.60 -3.14 -11.79
C THR A 161 -15.52 -2.73 -10.81
N HIS A 162 -14.35 -3.39 -10.80
CA HIS A 162 -13.28 -3.13 -9.86
C HIS A 162 -11.95 -3.03 -10.59
N SER A 163 -11.08 -2.14 -10.10
CA SER A 163 -9.76 -1.92 -10.64
C SER A 163 -8.74 -1.89 -9.51
N HIS A 164 -7.54 -2.34 -9.82
CA HIS A 164 -6.44 -2.31 -8.88
C HIS A 164 -5.21 -1.92 -9.67
N PHE A 165 -4.23 -1.30 -9.01
CA PHE A 165 -2.97 -1.06 -9.70
C PHE A 165 -1.80 -1.39 -8.80
N LEU A 166 -0.66 -1.54 -9.45
CA LEU A 166 0.61 -1.96 -8.87
C LEU A 166 1.71 -1.26 -9.63
N VAL A 167 2.79 -0.87 -8.95
CA VAL A 167 4.04 -0.57 -9.67
C VAL A 167 5.00 -1.73 -9.41
N ILE A 168 5.82 -2.03 -10.40
CA ILE A 168 6.69 -3.21 -10.33
C ILE A 168 8.01 -2.86 -11.00
N GLY A 169 9.02 -3.68 -10.74
CA GLY A 169 10.32 -3.52 -11.35
C GLY A 169 11.43 -3.46 -10.34
N GLN A 170 12.67 -3.35 -10.84
CA GLN A 170 13.82 -3.40 -9.94
C GLN A 170 13.82 -2.24 -8.97
N ALA A 171 13.44 -1.04 -9.43
CA ALA A 171 13.44 0.12 -8.54
C ALA A 171 12.43 -0.03 -7.41
N VAL A 172 11.26 -0.62 -7.71
CA VAL A 172 10.31 -0.94 -6.65
C VAL A 172 10.89 -1.97 -5.68
N ASP A 173 11.53 -3.01 -6.20
CA ASP A 173 12.20 -3.94 -5.28
C ASP A 173 13.28 -3.21 -4.49
N ASP A 174 14.05 -2.37 -5.19
CA ASP A 174 15.12 -1.62 -4.57
C ASP A 174 14.63 -0.75 -3.42
N VAL A 175 13.49 -0.07 -3.60
CA VAL A 175 13.05 0.85 -2.56
C VAL A 175 12.65 0.09 -1.31
N ARG A 176 12.15 -1.14 -1.46
N ARG A 176 12.19 -1.15 -1.46
CA ARG A 176 11.85 -1.98 -0.29
CA ARG A 176 11.84 -1.96 -0.29
C ARG A 176 13.13 -2.42 0.41
C ARG A 176 13.09 -2.49 0.41
N LEU A 177 14.08 -2.97 -0.34
CA LEU A 177 15.35 -3.39 0.25
C LEU A 177 16.02 -2.25 1.01
N ALA A 178 16.03 -1.05 0.40
CA ALA A 178 16.64 0.11 1.01
C ALA A 178 15.96 0.49 2.31
N GLN A 179 14.65 0.48 2.31
CA GLN A 179 13.90 0.77 3.53
C GLN A 179 14.19 -0.27 4.61
N ASN A 180 14.31 -1.55 4.24
CA ASN A 180 14.61 -2.56 5.26
C ASN A 180 15.98 -2.32 5.91
N MET A 181 16.99 -1.86 5.13
CA MET A 181 18.30 -1.58 5.70
C MET A 181 18.29 -0.40 6.67
N ALA A 182 17.33 0.51 6.53
CA ALA A 182 17.33 1.75 7.29
C ALA A 182 17.08 1.52 8.77
N GLN A 183 17.76 2.29 9.60
CA GLN A 183 17.45 2.45 11.02
C GLN A 183 16.71 3.78 11.24
N MET A 184 16.25 3.99 12.48
CA MET A 184 15.49 5.22 12.76
C MET A 184 16.29 6.40 12.22
N ASN A 185 15.63 7.31 11.54
CA ASN A 185 16.16 8.56 11.01
C ASN A 185 17.11 8.40 9.82
N ASP A 186 17.29 7.18 9.31
CA ASP A 186 18.14 6.99 8.15
C ASP A 186 17.42 7.35 6.86
N VAL A 187 18.18 7.85 5.89
CA VAL A 187 17.78 7.90 4.49
C VAL A 187 18.75 7.03 3.70
N ILE A 188 18.24 5.97 3.08
CA ILE A 188 19.06 4.99 2.37
C ILE A 188 18.77 5.11 0.88
N LEU A 189 19.83 5.25 0.08
CA LEU A 189 19.71 5.28 -1.36
C LEU A 189 20.02 3.91 -1.94
N SER A 190 19.15 3.43 -2.82
CA SER A 190 19.45 2.20 -3.56
C SER A 190 20.70 2.40 -4.41
N PRO A 191 21.34 1.31 -4.82
CA PRO A 191 22.56 1.46 -5.61
C PRO A 191 22.34 2.24 -6.89
N ASN A 192 21.20 2.06 -7.55
CA ASN A 192 21.02 2.80 -8.80
C ASN A 192 20.69 4.26 -8.51
N CYS A 193 19.99 4.53 -7.43
CA CYS A 193 19.78 5.91 -7.01
C CYS A 193 21.11 6.62 -6.74
N TRP A 194 22.03 5.96 -6.03
CA TRP A 194 23.35 6.56 -5.79
C TRP A 194 24.10 6.71 -7.10
N GLN A 195 23.99 5.75 -7.99
CA GLN A 195 24.63 5.86 -9.30
C GLN A 195 24.07 7.03 -10.09
N LEU A 196 22.77 7.32 -9.95
CA LEU A 196 22.12 8.34 -10.76
C LEU A 196 22.17 9.73 -10.14
N CYS A 197 22.48 9.85 -8.85
CA CYS A 197 22.26 11.11 -8.14
C CYS A 197 23.39 12.11 -8.42
N ASP A 198 23.23 13.32 -7.89
CA ASP A 198 24.23 14.38 -8.02
C ASP A 198 25.13 14.27 -6.79
N ARG A 199 26.26 13.59 -6.94
CA ARG A 199 27.17 13.38 -5.84
C ARG A 199 27.89 14.63 -5.38
N SER A 200 27.90 15.70 -6.16
CA SER A 200 28.46 16.97 -5.67
C SER A 200 27.64 17.52 -4.51
N MET A 201 26.45 17.00 -4.29
CA MET A 201 25.49 17.58 -3.37
C MET A 201 25.36 16.84 -2.05
N ILE A 202 25.74 15.59 -1.98
CA ILE A 202 25.33 14.76 -0.85
C ILE A 202 26.48 13.88 -0.40
N GLU A 203 26.79 13.97 0.89
CA GLU A 203 27.78 13.12 1.53
C GLU A 203 27.09 11.87 2.03
N ILE A 204 27.65 10.73 1.67
CA ILE A 204 27.08 9.41 1.98
C ILE A 204 28.11 8.62 2.78
N GLU A 205 27.66 7.48 3.31
CA GLU A 205 28.55 6.47 3.88
C GLU A 205 28.06 5.11 3.42
N SER A 206 28.99 4.19 3.31
CA SER A 206 28.68 2.84 2.87
C SER A 206 27.82 2.13 3.91
N VAL A 207 27.09 1.13 3.45
CA VAL A 207 26.24 0.31 4.31
C VAL A 207 26.88 -1.07 4.36
N PRO A 208 27.19 -1.61 5.54
CA PRO A 208 27.88 -2.91 5.63
C PRO A 208 27.24 -3.98 4.76
N ASP A 209 28.07 -4.68 3.99
CA ASP A 209 27.68 -5.78 3.11
C ASP A 209 26.66 -5.37 2.05
N GLN A 210 26.42 -4.08 1.87
CA GLN A 210 25.41 -3.60 0.96
C GLN A 210 26.03 -2.64 -0.05
N ARG A 211 25.42 -2.59 -1.23
CA ARG A 211 25.82 -1.61 -2.22
C ARG A 211 25.01 -0.32 -2.12
N ALA A 212 23.87 -0.37 -1.44
CA ALA A 212 23.14 0.84 -1.07
C ALA A 212 24.02 1.73 -0.21
N VAL A 213 23.62 3.00 -0.10
CA VAL A 213 24.35 3.95 0.73
C VAL A 213 23.38 4.72 1.62
N LYS A 214 23.92 5.21 2.73
CA LYS A 214 23.20 6.09 3.64
C LYS A 214 23.59 7.54 3.40
N VAL A 215 22.59 8.41 3.34
CA VAL A 215 22.79 9.84 3.20
C VAL A 215 23.17 10.39 4.57
N ASN A 216 24.36 10.95 4.67
CA ASN A 216 24.76 11.66 5.87
C ASN A 216 24.34 13.11 5.79
N PHE A 217 24.59 13.75 4.64
CA PHE A 217 24.42 15.20 4.55
C PHE A 217 24.03 15.57 3.14
N LEU A 218 23.21 16.60 3.05
CA LEU A 218 22.94 17.33 1.82
C LEU A 218 23.66 18.67 1.95
N LYS A 219 24.81 18.78 1.30
CA LYS A 219 25.65 19.98 1.35
C LYS A 219 25.82 20.50 -0.07
N PRO A 220 24.97 21.40 -0.51
CA PRO A 220 25.04 21.88 -1.90
C PRO A 220 26.13 22.92 -2.08
N PRO A 221 26.45 23.26 -3.32
CA PRO A 221 27.57 24.17 -3.57
C PRO A 221 27.25 25.58 -3.11
N PRO A 222 28.28 26.39 -2.95
CA PRO A 222 28.11 27.72 -2.38
C PRO A 222 27.04 28.60 -2.96
N ASN A 223 26.84 28.60 -4.28
CA ASN A 223 25.85 29.50 -4.86
C ASN A 223 24.47 28.84 -5.03
N PHE A 224 24.28 27.65 -4.47
CA PHE A 224 23.03 26.92 -4.69
C PHE A 224 21.89 27.53 -3.88
N ASN A 225 20.73 27.66 -4.52
CA ASN A 225 19.52 28.18 -3.88
C ASN A 225 18.41 27.15 -4.06
N PHE A 226 17.99 26.49 -2.97
CA PHE A 226 17.09 25.36 -3.19
C PHE A 226 15.75 25.81 -3.76
N ASP A 227 15.25 26.96 -3.32
CA ASP A 227 13.96 27.46 -3.81
C ASP A 227 13.97 27.67 -5.31
N GLU A 228 15.05 28.25 -5.83
CA GLU A 228 15.17 28.46 -7.27
C GLU A 228 15.36 27.16 -8.01
N PHE A 229 16.15 26.25 -7.42
CA PHE A 229 16.31 24.90 -7.98
C PHE A 229 14.98 24.15 -8.03
N PHE A 230 14.23 24.18 -6.94
CA PHE A 230 12.95 23.51 -6.94
C PHE A 230 12.04 24.09 -8.01
N THR A 231 12.00 25.40 -8.14
CA THR A 231 11.12 26.00 -9.15
C THR A 231 11.50 25.50 -10.54
N LYS A 232 12.80 25.39 -10.82
CA LYS A 232 13.22 24.85 -12.11
C LYS A 232 12.73 23.44 -12.27
N CYS A 233 12.80 22.66 -11.18
CA CYS A 233 12.32 21.28 -11.23
C CYS A 233 10.81 21.19 -11.43
N THR A 234 10.04 22.19 -10.98
CA THR A 234 8.57 22.11 -11.22
C THR A 234 8.22 22.15 -12.69
N THR A 235 9.17 22.56 -13.55
CA THR A 235 8.93 22.52 -14.99
C THR A 235 8.59 21.13 -15.46
N PHE A 236 9.08 20.11 -14.78
CA PHE A 236 8.87 18.73 -15.15
C PHE A 236 7.77 18.06 -14.36
N MET A 237 7.03 18.83 -13.56
CA MET A 237 5.96 18.25 -12.75
C MET A 237 4.61 18.70 -13.37
N HIS A 238 3.97 17.76 -14.07
CA HIS A 238 2.77 18.05 -14.85
C HIS A 238 1.68 18.64 -14.00
N TYR A 239 1.52 18.19 -12.73
CA TYR A 239 0.34 18.56 -11.94
C TYR A 239 0.65 19.36 -10.68
N TYR A 240 1.81 20.02 -10.62
CA TYR A 240 2.12 20.79 -9.45
C TYR A 240 1.19 21.98 -9.33
N PRO A 241 0.46 22.14 -8.21
CA PRO A 241 -0.53 23.22 -8.12
C PRO A 241 0.16 24.57 -8.30
N SER A 242 -0.43 25.41 -9.18
CA SER A 242 0.25 26.64 -9.55
C SER A 242 -0.74 27.74 -9.90
N GLY A 243 -0.21 28.96 -9.93
CA GLY A 243 -1.00 30.13 -10.33
C GLY A 243 -2.11 30.38 -9.36
N GLU A 244 -3.31 30.49 -9.92
CA GLU A 244 -4.50 30.64 -9.08
C GLU A 244 -4.65 29.49 -8.10
N HIS A 245 -4.11 28.31 -8.40
CA HIS A 245 -4.25 27.16 -7.53
C HIS A 245 -2.99 26.86 -6.73
N LYS A 246 -2.09 27.83 -6.55
CA LYS A 246 -0.85 27.54 -5.83
C LYS A 246 -1.09 27.34 -4.34
N ASN A 247 -2.29 27.58 -3.84
CA ASN A 247 -2.53 27.36 -2.42
C ASN A 247 -3.11 25.98 -2.11
N LEU A 248 -3.26 25.12 -3.12
CA LEU A 248 -3.81 23.78 -2.94
C LEU A 248 -2.69 22.75 -2.84
N LEU A 249 -2.95 21.67 -2.11
CA LEU A 249 -1.97 20.59 -2.03
C LEU A 249 -2.01 19.67 -3.22
N ARG A 250 -3.17 19.55 -3.88
CA ARG A 250 -3.36 18.69 -5.03
C ARG A 250 -4.22 19.41 -6.04
N LEU A 251 -3.83 19.26 -7.30
CA LEU A 251 -4.67 19.66 -8.41
C LEU A 251 -5.97 18.91 -8.41
N ALA A 252 -5.97 17.64 -7.97
CA ALA A 252 -7.20 16.83 -7.87
C ALA A 252 -8.28 17.51 -7.03
N CME A 253 -7.87 18.46 -6.19
CA CME A 253 -8.86 19.15 -5.40
CB CME A 253 -8.27 20.11 -4.34
SG CME A 253 -7.33 19.20 -3.10
SD CME A 253 -8.67 17.64 -2.57
CE CME A 253 -7.86 16.28 -3.32
CZ CME A 253 -8.80 15.18 -3.67
OH CME A 253 -9.71 15.02 -2.59
C CME A 253 -9.80 19.98 -6.31
O CME A 253 -10.86 20.43 -5.90
N THR A 254 -9.35 20.21 -7.54
CA THR A 254 -10.11 21.03 -8.49
C THR A 254 -10.87 20.27 -9.55
N LEU A 255 -10.91 18.95 -9.44
CA LEU A 255 -11.59 18.13 -10.43
C LEU A 255 -13.06 18.49 -10.47
N LYS A 256 -13.61 18.53 -11.65
CA LYS A 256 -15.01 18.87 -11.76
C LYS A 256 -15.80 17.66 -12.19
N PRO A 257 -17.08 17.62 -11.85
CA PRO A 257 -17.91 16.47 -12.28
C PRO A 257 -17.64 16.12 -13.72
N ASP A 258 -17.60 14.83 -13.95
CA ASP A 258 -17.32 14.21 -15.25
C ASP A 258 -17.76 12.75 -15.08
N PRO A 259 -18.97 12.37 -15.51
CA PRO A 259 -19.46 11.02 -15.21
C PRO A 259 -18.57 9.90 -15.76
N GLU A 260 -18.00 10.06 -16.97
CA GLU A 260 -17.16 9.00 -17.52
C GLU A 260 -15.91 8.81 -16.65
N LEU A 261 -15.32 9.91 -16.19
CA LEU A 261 -14.15 9.79 -15.33
C LEU A 261 -14.51 9.22 -13.98
N GLU A 262 -15.59 9.69 -13.37
CA GLU A 262 -15.98 9.14 -12.07
C GLU A 262 -16.29 7.65 -12.16
N MET A 263 -16.96 7.22 -13.24
CA MET A 263 -17.21 5.79 -13.41
CA MET A 263 -17.21 5.79 -13.41
C MET A 263 -15.91 4.99 -13.36
N SER A 264 -14.88 5.49 -14.03
CA SER A 264 -13.56 4.88 -14.01
CA SER A 264 -13.57 4.85 -14.01
C SER A 264 -12.91 4.90 -12.63
N LEU A 265 -12.91 6.07 -11.97
CA LEU A 265 -12.20 6.14 -10.70
C LEU A 265 -12.88 5.40 -9.56
N GLN A 266 -14.21 5.33 -9.56
CA GLN A 266 -14.87 4.67 -8.43
C GLN A 266 -14.52 3.19 -8.35
N LYS A 267 -14.11 2.57 -9.47
CA LYS A 267 -13.85 1.15 -9.46
C LYS A 267 -12.67 0.78 -8.58
N TYR A 268 -11.84 1.75 -8.21
CA TYR A 268 -10.71 1.52 -7.35
C TYR A 268 -11.05 1.59 -5.87
N VAL A 269 -12.27 1.99 -5.51
CA VAL A 269 -12.61 2.31 -4.12
C VAL A 269 -13.71 1.36 -3.66
N MET A 270 -13.58 0.87 -2.41
CA MET A 270 -14.55 -0.05 -1.83
C MET A 270 -15.93 0.57 -1.76
N GLU A 271 -16.97 -0.24 -2.00
CA GLU A 271 -18.34 0.27 -1.98
C GLU A 271 -18.71 0.94 -0.65
N SER A 272 -18.20 0.46 0.50
CA SER A 272 -18.54 1.07 1.80
C SER A 272 -17.96 2.47 1.89
N ILE A 273 -16.80 2.69 1.27
CA ILE A 273 -16.23 4.04 1.21
C ILE A 273 -17.06 4.94 0.29
N LEU A 274 -17.47 4.43 -0.87
CA LEU A 274 -18.35 5.17 -1.76
C LEU A 274 -19.65 5.56 -1.04
N LYS A 275 -20.17 4.69 -0.20
CA LYS A 275 -21.40 5.00 0.52
C LYS A 275 -21.19 6.20 1.46
N GLN A 276 -20.04 6.25 2.11
CA GLN A 276 -19.74 7.40 2.95
C GLN A 276 -19.52 8.66 2.12
N ILE A 277 -18.86 8.52 0.99
CA ILE A 277 -18.66 9.65 0.07
C ILE A 277 -19.97 10.22 -0.42
N ASP A 278 -20.96 9.38 -0.60
CA ASP A 278 -22.28 9.79 -1.03
C ASP A 278 -23.18 10.26 0.12
N ASN A 279 -22.60 10.39 1.32
CA ASN A 279 -23.35 10.86 2.47
C ASN A 279 -24.55 9.97 2.76
N LYS A 280 -24.35 8.65 2.58
CA LYS A 280 -25.37 7.65 2.92
C LYS A 280 -24.92 6.76 4.07
N GLN A 281 -23.80 7.09 4.68
CA GLN A 281 -23.27 6.38 5.84
C GLN A 281 -22.51 7.40 6.67
N LEU A 282 -22.56 7.26 7.98
CA LEU A 282 -21.87 8.20 8.87
C LEU A 282 -20.36 8.16 8.68
N GLN A 283 -19.73 9.33 8.71
CA GLN A 283 -18.36 9.50 8.28
C GLN A 283 -17.39 8.81 9.21
N GLY A 284 -17.83 8.34 10.40
CA GLY A 284 -17.00 7.57 11.29
C GLY A 284 -17.33 6.10 11.43
N TYR A 285 -18.25 5.56 10.63
CA TYR A 285 -18.63 4.15 10.68
C TYR A 285 -17.46 3.23 10.39
N LEU A 286 -16.51 3.68 9.57
CA LEU A 286 -15.45 2.79 9.09
C LEU A 286 -14.20 2.79 9.97
N SER A 287 -14.14 3.59 11.03
CA SER A 287 -13.01 3.55 11.97
C SER A 287 -13.39 2.59 13.10
N GLU A 288 -12.78 1.42 13.14
CA GLU A 288 -13.22 0.40 14.12
C GLU A 288 -12.06 -0.52 14.49
N LEU A 289 -12.10 -1.01 15.70
CA LEU A 289 -11.34 -2.19 16.14
C LEU A 289 -12.32 -3.34 16.07
N ARG A 290 -12.11 -4.26 15.15
CA ARG A 290 -13.11 -5.30 14.98
C ARG A 290 -12.44 -6.61 14.63
N PRO A 291 -13.11 -7.71 14.92
CA PRO A 291 -12.55 -9.03 14.60
C PRO A 291 -12.73 -9.29 13.11
N VAL A 292 -11.64 -9.65 12.45
CA VAL A 292 -11.66 -10.01 11.04
C VAL A 292 -10.81 -11.27 10.84
N THR A 293 -10.87 -11.82 9.63
CA THR A 293 -9.95 -12.86 9.18
C THR A 293 -9.21 -12.32 7.96
N ILE A 294 -7.90 -12.32 8.07
CA ILE A 294 -6.99 -11.92 7.03
C ILE A 294 -6.61 -13.15 6.24
N VAL A 295 -6.75 -13.08 4.93
CA VAL A 295 -6.29 -14.10 3.99
C VAL A 295 -5.27 -13.41 3.11
N PHE A 296 -4.00 -13.72 3.33
CA PHE A 296 -2.90 -13.04 2.66
C PHE A 296 -2.35 -13.98 1.61
N VAL A 297 -2.53 -13.64 0.34
CA VAL A 297 -2.23 -14.51 -0.80
C VAL A 297 -0.97 -14.01 -1.47
N ASN A 298 0.03 -14.86 -1.60
CA ASN A 298 1.25 -14.52 -2.29
C ASN A 298 1.44 -15.38 -3.54
N LEU A 299 1.70 -14.71 -4.68
CA LEU A 299 1.95 -15.37 -5.95
C LEU A 299 3.38 -15.07 -6.36
N MET A 300 4.18 -16.10 -6.57
CA MET A 300 5.56 -15.91 -6.98
C MET A 300 5.75 -16.34 -8.41
N PHE A 301 6.51 -15.55 -9.16
CA PHE A 301 6.78 -15.78 -10.57
C PHE A 301 8.26 -16.10 -10.76
N GLU A 302 8.59 -16.47 -11.99
CA GLU A 302 9.99 -16.72 -12.32
C GLU A 302 10.77 -15.41 -12.38
N ASP A 303 10.11 -14.34 -12.80
CA ASP A 303 10.78 -13.09 -13.10
C ASP A 303 9.87 -11.96 -12.60
N GLN A 304 10.43 -11.10 -11.75
CA GLN A 304 9.74 -10.08 -10.94
C GLN A 304 9.42 -8.77 -11.64
N ASP A 305 10.28 -8.30 -12.56
CA ASP A 305 10.26 -6.92 -13.03
C ASP A 305 9.73 -6.72 -14.43
N LYS A 306 9.08 -7.74 -15.04
CA LYS A 306 8.57 -7.68 -16.41
C LYS A 306 7.07 -7.85 -16.30
N ALA A 307 6.36 -6.75 -16.34
CA ALA A 307 4.92 -6.85 -16.28
C ALA A 307 4.36 -7.61 -17.49
N GLU A 308 5.10 -7.71 -18.59
CA GLU A 308 4.47 -8.29 -19.76
C GLU A 308 4.15 -9.75 -19.55
N GLU A 309 4.98 -10.44 -18.76
CA GLU A 309 4.75 -11.82 -18.40
C GLU A 309 3.86 -11.96 -17.17
N ILE A 310 4.08 -11.15 -16.12
CA ILE A 310 3.33 -11.34 -14.91
C ILE A 310 1.98 -10.64 -14.95
N GLY A 311 1.80 -9.64 -15.82
CA GLY A 311 0.55 -8.93 -15.89
C GLY A 311 -0.63 -9.82 -16.21
N PRO A 312 -0.52 -10.60 -17.29
CA PRO A 312 -1.61 -11.56 -17.60
C PRO A 312 -1.88 -12.57 -16.50
N ALA A 313 -0.84 -13.07 -15.84
CA ALA A 313 -1.03 -14.03 -14.76
C ALA A 313 -1.80 -13.42 -13.59
N ILE A 314 -1.40 -12.20 -13.18
CA ILE A 314 -2.07 -11.53 -12.06
C ILE A 314 -3.53 -11.26 -12.41
N GLN A 315 -3.79 -10.83 -13.65
CA GLN A 315 -5.17 -10.63 -14.08
C GLN A 315 -5.98 -11.93 -13.99
N ASP A 316 -5.41 -13.06 -14.44
CA ASP A 316 -6.11 -14.34 -14.40
C ASP A 316 -6.38 -14.77 -12.95
N ALA A 317 -5.38 -14.60 -12.09
CA ALA A 317 -5.57 -14.86 -10.66
C ALA A 317 -6.64 -13.97 -10.06
N TYR A 318 -6.56 -12.67 -10.34
CA TYR A 318 -7.51 -11.71 -9.81
C TYR A 318 -8.95 -12.11 -10.17
N MET A 319 -9.15 -12.48 -11.43
CA MET A 319 -10.49 -12.86 -11.88
C MET A 319 -11.04 -14.00 -11.04
N HIS A 320 -10.20 -14.95 -10.69
CA HIS A 320 -10.69 -16.02 -9.85
C HIS A 320 -10.85 -15.57 -8.40
N ILE A 321 -9.86 -14.83 -7.88
CA ILE A 321 -9.92 -14.35 -6.50
C ILE A 321 -11.18 -13.53 -6.27
N THR A 322 -11.49 -12.61 -7.17
CA THR A 322 -12.67 -11.79 -6.91
C THR A 322 -13.94 -12.62 -6.90
N SER A 323 -14.02 -13.67 -7.73
CA SER A 323 -15.24 -14.50 -7.77
CA SER A 323 -15.25 -14.48 -7.75
C SER A 323 -15.39 -15.34 -6.50
N VAL A 324 -14.26 -15.81 -5.95
CA VAL A 324 -14.30 -16.56 -4.68
C VAL A 324 -14.66 -15.62 -3.51
N LEU A 325 -14.06 -14.46 -3.48
CA LEU A 325 -14.32 -13.56 -2.35
C LEU A 325 -15.76 -13.09 -2.36
N LYS A 326 -16.30 -12.81 -3.55
CA LYS A 326 -17.66 -12.25 -3.64
C LYS A 326 -18.66 -13.15 -2.94
N ILE A 327 -18.44 -14.44 -2.98
CA ILE A 327 -19.37 -15.33 -2.30
C ILE A 327 -19.51 -14.96 -0.81
N PHE A 328 -18.44 -14.46 -0.16
CA PHE A 328 -18.45 -14.20 1.27
C PHE A 328 -18.09 -12.76 1.60
N GLN A 329 -18.36 -11.87 0.65
CA GLN A 329 -18.16 -10.46 0.88
C GLN A 329 -16.76 -10.19 1.38
N GLY A 330 -15.83 -11.08 1.04
CA GLY A 330 -14.45 -10.77 1.24
C GLY A 330 -14.03 -9.62 0.38
N GLN A 331 -12.99 -8.95 0.79
CA GLN A 331 -12.54 -7.76 0.09
C GLN A 331 -11.03 -7.80 -0.05
N ILE A 332 -10.57 -7.34 -1.20
CA ILE A 332 -9.15 -7.10 -1.43
C ILE A 332 -8.86 -5.71 -0.88
N ASN A 333 -8.05 -5.63 0.16
CA ASN A 333 -7.77 -4.32 0.75
C ASN A 333 -6.57 -3.66 0.10
N LYS A 334 -5.58 -4.45 -0.31
CA LYS A 334 -4.34 -3.93 -0.85
C LYS A 334 -3.69 -5.01 -1.70
N VAL A 335 -2.92 -4.58 -2.69
CA VAL A 335 -2.05 -5.49 -3.45
C VAL A 335 -0.66 -4.90 -3.44
N PHE A 336 0.35 -5.76 -3.40
CA PHE A 336 1.75 -5.37 -3.27
C PHE A 336 2.57 -6.25 -4.18
N MET A 337 3.76 -5.79 -4.53
CA MET A 337 4.66 -6.52 -5.42
C MET A 337 6.09 -6.32 -4.95
N PHE A 338 6.77 -7.44 -4.71
CA PHE A 338 8.14 -7.48 -4.24
C PHE A 338 8.80 -8.75 -4.76
N ASP A 339 10.08 -8.65 -5.11
CA ASP A 339 10.95 -9.81 -5.37
C ASP A 339 10.21 -10.94 -6.08
N LYS A 340 9.50 -10.58 -7.16
CA LYS A 340 8.64 -11.51 -7.92
C LYS A 340 7.66 -12.25 -7.04
N GLY A 341 7.09 -11.52 -6.08
CA GLY A 341 5.93 -11.97 -5.35
C GLY A 341 4.87 -10.88 -5.36
N CYS A 342 3.69 -11.18 -5.92
CA CYS A 342 2.52 -10.31 -5.85
C CYS A 342 1.60 -10.81 -4.75
N SER A 343 1.24 -9.94 -3.82
CA SER A 343 0.52 -10.34 -2.62
C SER A 343 -0.83 -9.64 -2.60
N PHE A 344 -1.89 -10.38 -2.29
CA PHE A 344 -3.22 -9.82 -2.08
C PHE A 344 -3.56 -9.90 -0.61
N LEU A 345 -3.88 -8.75 0.00
CA LEU A 345 -4.34 -8.66 1.37
C LEU A 345 -5.86 -8.67 1.36
N CYS A 346 -6.45 -9.86 1.60
CA CYS A 346 -7.88 -10.07 1.62
C CYS A 346 -8.42 -10.09 3.04
N VAL A 347 -9.61 -9.52 3.21
CA VAL A 347 -10.21 -9.38 4.52
C VAL A 347 -11.62 -9.89 4.48
N PHE A 348 -11.97 -10.76 5.44
CA PHE A 348 -13.34 -11.19 5.68
C PHE A 348 -13.79 -10.55 6.99
N GLY A 349 -15.00 -9.97 6.99
CA GLY A 349 -15.54 -9.29 8.15
C GLY A 349 -15.38 -7.77 8.23
N PHE A 350 -15.04 -7.07 7.12
CA PHE A 350 -14.99 -5.59 7.15
C PHE A 350 -16.33 -5.03 7.66
N PRO A 351 -16.41 -3.78 8.11
CA PRO A 351 -17.70 -3.30 8.65
C PRO A 351 -18.82 -3.40 7.63
N GLY A 352 -19.96 -3.93 8.08
CA GLY A 352 -21.13 -4.18 7.26
C GLY A 352 -20.99 -5.34 6.31
N GLU A 353 -19.98 -6.20 6.49
CA GLU A 353 -19.72 -7.28 5.55
C GLU A 353 -19.52 -8.61 6.27
N LYS A 354 -19.97 -8.70 7.53
CA LYS A 354 -19.77 -9.90 8.33
C LYS A 354 -20.71 -11.02 7.90
N VAL A 355 -20.20 -12.25 7.90
CA VAL A 355 -21.01 -13.44 7.61
C VAL A 355 -20.76 -14.47 8.70
N PRO A 356 -21.71 -15.38 8.91
CA PRO A 356 -21.46 -16.49 9.84
C PRO A 356 -20.48 -17.50 9.26
N ASP A 357 -19.85 -18.28 10.15
CA ASP A 357 -18.82 -19.25 9.76
C ASP A 357 -17.69 -18.56 9.02
N GLU A 358 -17.36 -17.34 9.43
CA GLU A 358 -16.32 -16.61 8.73
C GLU A 358 -15.03 -17.43 8.62
N LEU A 359 -14.67 -18.16 9.69
CA LEU A 359 -13.40 -18.89 9.73
C LEU A 359 -13.40 -20.04 8.73
N THR A 360 -14.46 -20.82 8.73
CA THR A 360 -14.58 -21.92 7.79
C THR A 360 -14.50 -21.43 6.36
N HIS A 361 -15.26 -20.40 6.05
CA HIS A 361 -15.32 -19.87 4.69
C HIS A 361 -13.99 -19.23 4.29
N ALA A 362 -13.31 -18.56 5.22
CA ALA A 362 -11.98 -18.04 4.91
C ALA A 362 -11.06 -19.17 4.46
N LEU A 363 -11.07 -20.30 5.17
CA LEU A 363 -10.16 -21.41 4.85
C LEU A 363 -10.55 -22.07 3.53
N GLU A 364 -11.85 -22.28 3.32
CA GLU A 364 -12.31 -22.88 2.07
C GLU A 364 -12.03 -21.95 0.92
N CYS A 365 -12.17 -20.64 1.11
CA CYS A 365 -11.83 -19.71 0.05
CA CYS A 365 -11.83 -19.68 0.06
C CYS A 365 -10.34 -19.71 -0.23
N ALA A 366 -9.51 -19.76 0.82
CA ALA A 366 -8.06 -19.86 0.62
C ALA A 366 -7.69 -21.07 -0.21
N MET A 367 -8.29 -22.23 0.11
CA MET A 367 -7.89 -23.45 -0.58
C MET A 367 -8.33 -23.38 -2.05
N ASP A 368 -9.51 -22.82 -2.30
CA ASP A 368 -9.99 -22.59 -3.66
C ASP A 368 -9.02 -21.70 -4.45
N ILE A 369 -8.67 -20.56 -3.87
CA ILE A 369 -7.68 -19.67 -4.48
C ILE A 369 -6.36 -20.40 -4.70
N PHE A 370 -5.91 -21.15 -3.69
CA PHE A 370 -4.66 -21.88 -3.81
C PHE A 370 -4.68 -22.83 -5.01
N ASP A 371 -5.74 -23.63 -5.09
CA ASP A 371 -5.79 -24.66 -6.14
C ASP A 371 -5.87 -24.05 -7.52
N PHE A 372 -6.65 -22.97 -7.66
CA PHE A 372 -6.76 -22.34 -8.97
C PHE A 372 -5.47 -21.64 -9.37
N CYS A 373 -4.94 -20.82 -8.47
CA CYS A 373 -3.81 -19.99 -8.86
C CYS A 373 -2.57 -20.84 -9.08
N SER A 374 -2.50 -22.01 -8.42
CA SER A 374 -1.39 -22.91 -8.63
C SER A 374 -1.33 -23.40 -10.08
N GLN A 375 -2.45 -23.31 -10.80
CA GLN A 375 -2.52 -23.81 -12.17
C GLN A 375 -2.46 -22.68 -13.18
N VAL A 376 -2.26 -21.45 -12.75
CA VAL A 376 -2.20 -20.32 -13.67
C VAL A 376 -0.82 -20.27 -14.30
N HIS A 377 -0.79 -20.12 -15.61
CA HIS A 377 0.46 -20.07 -16.35
C HIS A 377 1.36 -18.99 -15.77
N LYS A 378 2.61 -19.35 -15.53
CA LYS A 378 3.70 -18.49 -15.07
C LYS A 378 3.64 -18.20 -13.58
N ILE A 379 2.66 -18.70 -12.84
CA ILE A 379 2.76 -18.60 -11.37
C ILE A 379 3.48 -19.84 -10.88
N GLN A 380 4.63 -19.62 -10.23
CA GLN A 380 5.53 -20.69 -9.82
C GLN A 380 5.14 -21.29 -8.49
N THR A 381 4.72 -20.46 -7.54
CA THR A 381 4.35 -20.86 -6.20
C THR A 381 3.22 -19.96 -5.71
N VAL A 382 2.22 -20.58 -5.06
CA VAL A 382 1.22 -19.84 -4.31
C VAL A 382 1.38 -20.17 -2.83
N SER A 383 1.28 -19.15 -2.00
CA SER A 383 1.33 -19.31 -0.55
C SER A 383 0.25 -18.44 0.08
N ILE A 384 -0.46 -18.98 1.07
CA ILE A 384 -1.56 -18.24 1.66
C ILE A 384 -1.49 -18.34 3.18
N GLY A 385 -1.50 -17.20 3.85
CA GLY A 385 -1.54 -17.17 5.31
C GLY A 385 -2.90 -16.67 5.76
N VAL A 386 -3.44 -17.34 6.77
CA VAL A 386 -4.78 -17.03 7.26
C VAL A 386 -4.64 -16.79 8.75
N ALA A 387 -5.08 -15.62 9.22
CA ALA A 387 -4.96 -15.24 10.63
C ALA A 387 -6.21 -14.46 11.03
N SER A 388 -6.64 -14.63 12.27
CA SER A 388 -7.92 -14.09 12.72
CA SER A 388 -7.89 -14.07 12.72
C SER A 388 -7.76 -13.40 14.07
N GLY A 389 -8.28 -12.18 14.17
CA GLY A 389 -8.26 -11.47 15.44
C GLY A 389 -8.72 -10.04 15.28
N ILE A 390 -8.45 -9.25 16.32
CA ILE A 390 -8.85 -7.85 16.38
C ILE A 390 -7.87 -7.06 15.56
N VAL A 391 -8.39 -6.32 14.58
CA VAL A 391 -7.55 -5.44 13.80
C VAL A 391 -8.20 -4.06 13.73
N PHE A 392 -7.36 -3.06 13.55
CA PHE A 392 -7.84 -1.71 13.31
C PHE A 392 -8.14 -1.56 11.85
N CYS A 393 -9.28 -0.96 11.55
CA CYS A 393 -9.70 -0.62 10.20
C CYS A 393 -10.03 0.89 10.18
N GLY A 394 -9.64 1.58 9.12
CA GLY A 394 -10.05 2.96 9.01
C GLY A 394 -9.36 3.64 7.87
N ILE A 395 -9.84 4.85 7.57
CA ILE A 395 -9.25 5.67 6.51
C ILE A 395 -8.05 6.42 7.11
N VAL A 396 -6.87 6.16 6.56
CA VAL A 396 -5.60 6.66 7.05
C VAL A 396 -5.01 7.64 6.03
N GLY A 397 -4.52 8.78 6.51
CA GLY A 397 -3.89 9.73 5.61
C GLY A 397 -4.31 11.16 5.92
N HIS A 398 -4.15 11.98 4.90
CA HIS A 398 -4.52 13.40 4.89
C HIS A 398 -5.92 13.56 4.28
N THR A 399 -6.63 14.61 4.66
CA THR A 399 -7.90 14.94 3.98
C THR A 399 -7.83 14.85 2.46
N VAL A 400 -6.73 15.32 1.85
CA VAL A 400 -6.65 15.32 0.39
C VAL A 400 -6.06 14.03 -0.18
N ARG A 401 -5.53 13.14 0.65
CA ARG A 401 -4.90 11.93 0.14
C ARG A 401 -4.88 10.93 1.28
N HIS A 402 -5.76 9.95 1.19
CA HIS A 402 -5.98 8.94 2.22
C HIS A 402 -6.53 7.66 1.62
N GLU A 403 -6.45 6.57 2.38
CA GLU A 403 -6.87 5.27 1.90
C GLU A 403 -7.35 4.44 3.07
N TYR A 404 -8.29 3.56 2.80
CA TYR A 404 -8.76 2.62 3.83
C TYR A 404 -7.67 1.59 4.09
N THR A 405 -7.41 1.31 5.36
CA THR A 405 -6.24 0.48 5.69
C THR A 405 -6.58 -0.41 6.89
N VAL A 406 -5.85 -1.52 6.99
CA VAL A 406 -6.02 -2.44 8.13
C VAL A 406 -4.67 -2.55 8.81
N ILE A 407 -4.67 -2.54 10.15
CA ILE A 407 -3.43 -2.57 10.92
C ILE A 407 -3.64 -3.51 12.12
N GLY A 408 -2.65 -4.35 12.38
CA GLY A 408 -2.75 -5.27 13.50
C GLY A 408 -1.75 -6.39 13.43
N GLN A 409 -1.46 -6.93 14.61
CA GLN A 409 -0.59 -8.11 14.72
C GLN A 409 -1.04 -9.23 13.80
N LYS A 410 -2.34 -9.45 13.68
CA LYS A 410 -2.77 -10.56 12.82
C LYS A 410 -2.57 -10.26 11.33
N VAL A 411 -2.63 -8.99 10.93
CA VAL A 411 -2.20 -8.65 9.58
C VAL A 411 -0.75 -9.02 9.38
N ASN A 412 0.12 -8.62 10.31
CA ASN A 412 1.53 -8.92 10.14
C ASN A 412 1.76 -10.44 10.20
N LEU A 413 1.00 -11.14 11.02
CA LEU A 413 1.20 -12.59 11.14
C LEU A 413 0.85 -13.30 9.83
N ALA A 414 -0.32 -13.00 9.25
CA ALA A 414 -0.67 -13.64 7.98
C ALA A 414 0.37 -13.36 6.90
N ALA A 415 0.89 -12.12 6.87
CA ALA A 415 1.93 -11.75 5.92
C ALA A 415 3.23 -12.54 6.12
N ARG A 416 3.65 -12.72 7.37
CA ARG A 416 4.88 -13.47 7.60
C ARG A 416 4.65 -14.96 7.31
N MET A 417 3.45 -15.47 7.61
CA MET A 417 3.15 -16.89 7.40
C MET A 417 3.27 -17.24 5.93
N MET A 418 2.75 -16.39 5.03
CA MET A 418 2.80 -16.77 3.60
C MET A 418 4.23 -16.75 3.08
N MET A 419 5.12 -15.99 3.71
CA MET A 419 6.52 -15.92 3.28
C MET A 419 7.38 -17.00 3.94
N TYR A 420 7.16 -17.28 5.22
CA TYR A 420 7.97 -18.27 5.91
C TYR A 420 7.48 -19.68 5.68
N TYR A 421 6.24 -19.86 5.21
CA TYR A 421 5.71 -21.19 4.91
C TYR A 421 5.20 -21.19 3.47
N PRO A 422 6.11 -21.14 2.50
CA PRO A 422 5.69 -21.00 1.11
C PRO A 422 5.10 -22.29 0.56
N GLY A 423 4.22 -22.15 -0.42
CA GLY A 423 3.70 -23.28 -1.15
C GLY A 423 2.51 -23.99 -0.53
N ILE A 424 1.97 -23.48 0.59
CA ILE A 424 0.92 -24.14 1.33
C ILE A 424 -0.04 -23.07 1.86
N VAL A 425 -1.18 -23.53 2.36
CA VAL A 425 -2.14 -22.67 3.05
C VAL A 425 -1.89 -22.87 4.54
N THR A 426 -1.60 -21.80 5.29
CA THR A 426 -1.39 -21.90 6.73
C THR A 426 -2.43 -21.08 7.48
N CYS A 427 -2.64 -21.42 8.75
CA CYS A 427 -3.60 -20.65 9.52
C CYS A 427 -3.12 -20.63 10.97
N ASP A 428 -3.63 -19.64 11.70
CA ASP A 428 -3.25 -19.47 13.11
C ASP A 428 -4.17 -20.29 14.03
N SER A 429 -3.94 -20.20 15.34
CA SER A 429 -4.71 -20.99 16.27
CA SER A 429 -4.70 -20.99 16.28
CA SER A 429 -4.69 -20.98 16.30
C SER A 429 -6.17 -20.54 16.37
N VAL A 430 -6.42 -19.23 16.25
CA VAL A 430 -7.80 -18.75 16.32
C VAL A 430 -8.62 -19.32 15.18
N THR A 431 -8.04 -19.33 13.98
CA THR A 431 -8.74 -19.88 12.83
C THR A 431 -8.96 -21.37 13.00
N TYR A 432 -7.93 -22.09 13.42
CA TYR A 432 -8.05 -23.55 13.54
C TYR A 432 -9.12 -23.93 14.57
N ASN A 433 -9.08 -23.28 15.72
CA ASN A 433 -9.96 -23.69 16.81
C ASN A 433 -11.41 -23.31 16.54
N GLY A 434 -11.64 -22.24 15.78
CA GLY A 434 -12.98 -21.76 15.53
C GLY A 434 -13.57 -22.12 14.20
N SER A 435 -12.83 -22.84 13.34
CA SER A 435 -13.44 -23.41 12.15
C SER A 435 -14.35 -24.58 12.55
N ASN A 436 -15.36 -24.85 11.73
CA ASN A 436 -16.20 -26.01 11.99
C ASN A 436 -15.67 -27.26 11.28
N LEU A 437 -14.37 -27.29 10.93
CA LEU A 437 -13.80 -28.35 10.12
C LEU A 437 -13.12 -29.38 11.00
N PRO A 438 -13.09 -30.64 10.57
CA PRO A 438 -12.42 -31.69 11.37
C PRO A 438 -10.94 -31.45 11.52
N ALA A 439 -10.39 -32.00 12.60
CA ALA A 439 -9.01 -31.72 12.96
C ALA A 439 -8.03 -32.35 11.98
N TYR A 440 -8.41 -33.47 11.35
CA TYR A 440 -7.47 -34.10 10.44
C TYR A 440 -7.44 -33.38 9.09
N PHE A 441 -8.20 -32.30 8.93
CA PHE A 441 -8.04 -31.40 7.78
C PHE A 441 -6.80 -30.53 7.89
N PHE A 442 -6.14 -30.59 9.04
CA PHE A 442 -5.02 -29.70 9.37
C PHE A 442 -3.79 -30.51 9.76
N LYS A 443 -2.65 -29.82 9.69
CA LYS A 443 -1.39 -30.32 10.23
C LYS A 443 -0.73 -29.26 11.11
N GLU A 444 -0.38 -29.62 12.32
CA GLU A 444 0.38 -28.73 13.19
C GLU A 444 1.79 -28.58 12.63
N LEU A 445 2.26 -27.33 12.49
CA LEU A 445 3.54 -27.04 11.82
C LEU A 445 4.68 -26.79 12.80
N PRO A 446 5.93 -26.99 12.37
CA PRO A 446 7.05 -26.49 13.17
C PRO A 446 6.90 -24.99 13.34
N LYS A 447 7.33 -24.47 14.48
CA LYS A 447 7.22 -23.04 14.74
C LYS A 447 8.53 -22.38 14.32
N LYS A 448 8.41 -21.33 13.54
CA LYS A 448 9.53 -20.61 12.98
C LYS A 448 9.58 -19.24 13.62
N VAL A 449 10.80 -18.77 13.90
CA VAL A 449 11.01 -17.40 14.32
C VAL A 449 10.76 -16.49 13.13
N MET A 450 9.78 -15.60 13.25
CA MET A 450 9.37 -14.72 12.18
C MET A 450 9.46 -13.25 12.61
N LYS A 451 9.93 -12.41 11.69
CA LYS A 451 10.14 -10.99 11.97
C LYS A 451 8.85 -10.31 12.42
N GLY A 452 8.95 -9.59 13.50
CA GLY A 452 7.83 -8.83 14.00
C GLY A 452 6.78 -9.65 14.66
N VAL A 453 7.03 -10.93 14.79
CA VAL A 453 6.05 -11.79 15.37
C VAL A 453 6.60 -12.36 16.62
N ALA A 454 5.86 -12.12 17.67
CA ALA A 454 6.24 -12.67 18.93
C ALA A 454 5.03 -13.44 19.34
N ASP A 455 5.26 -14.70 19.64
CA ASP A 455 4.21 -15.54 20.14
C ASP A 455 2.94 -15.64 19.35
N SER A 456 3.14 -16.00 18.11
CA SER A 456 2.09 -16.18 17.13
C SER A 456 1.04 -17.18 17.58
N GLY A 457 1.46 -18.18 18.35
CA GLY A 457 0.69 -19.31 18.80
C GLY A 457 1.01 -20.51 17.91
N PRO A 458 0.39 -21.64 18.15
CA PRO A 458 0.59 -22.77 17.24
C PRO A 458 0.02 -22.46 15.87
N LEU A 459 0.76 -22.85 14.82
CA LEU A 459 0.33 -22.62 13.45
C LEU A 459 0.02 -23.97 12.81
N TYR A 460 -0.84 -23.94 11.79
CA TYR A 460 -1.34 -25.12 11.14
C TYR A 460 -1.29 -24.94 9.63
N GLN A 461 -1.10 -26.05 8.94
CA GLN A 461 -1.33 -26.11 7.51
C GLN A 461 -2.75 -26.58 7.32
N TYR A 462 -3.49 -25.92 6.45
CA TYR A 462 -4.78 -26.41 6.00
C TYR A 462 -4.49 -27.40 4.87
N TRP A 463 -4.60 -28.68 5.20
CA TRP A 463 -4.32 -29.75 4.27
C TRP A 463 -5.52 -30.02 3.40
N GLY A 464 -6.71 -29.79 3.93
CA GLY A 464 -7.91 -29.96 3.15
C GLY A 464 -8.49 -31.33 3.33
N ARG A 465 -9.64 -31.52 2.68
CA ARG A 465 -10.56 -32.58 3.08
C ARG A 465 -10.00 -33.97 2.81
N THR A 466 -9.24 -34.15 1.74
CA THR A 466 -8.77 -35.48 1.40
C THR A 466 -7.30 -35.63 1.74
N GLU A 467 -6.82 -36.86 1.62
CA GLU A 467 -5.43 -37.18 1.89
C GLU A 467 -4.54 -36.64 0.77
C 2OP B . 2.56 -1.05 -5.44
O 2OP B . 2.30 -1.02 -6.65
CB 2OP B . 3.79 -3.17 -5.71
OHN 2OP B . 3.81 -2.02 -3.61
CA 2OP B . 3.79 -1.81 -5.02
OXT 2OP B . 2.06 -0.23 -4.63
C1 GOL C . -12.72 -7.47 -6.03
O1 GOL C . -11.99 -6.25 -5.86
C2 GOL C . -13.61 -7.70 -4.82
O2 GOL C . -14.62 -6.67 -4.76
C3 GOL C . -12.77 -7.65 -3.56
O3 GOL C . -12.05 -6.40 -3.50
C1 GOL D . -8.78 -2.54 -2.71
O1 GOL D . -7.80 -1.50 -2.89
C2 GOL D . -10.00 -2.24 -3.57
O2 GOL D . -10.50 -0.94 -3.27
C3 GOL D . -11.08 -3.29 -3.29
O3 GOL D . -12.27 -2.94 -4.02
C1 GOL E . -6.41 2.59 -3.80
O1 GOL E . -5.94 3.78 -4.47
C2 GOL E . -7.69 2.91 -3.04
O2 GOL E . -7.47 4.00 -2.15
C3 GOL E . -8.13 1.69 -2.24
O3 GOL E . -7.06 1.26 -1.40
#